data_9HSC
#
_entry.id   9HSC
#
_cell.length_a   50.494
_cell.length_b   68.943
_cell.length_c   118.448
_cell.angle_alpha   90.000
_cell.angle_beta   90.000
_cell.angle_gamma   90.000
#
_symmetry.space_group_name_H-M   'I 2 2 2'
#
loop_
_entity.id
_entity.type
_entity.pdbx_description
1 polymer 'Cholinephosphate cytidylyltransferase'
2 non-polymer 4-(2-aminoethyl)phenol
3 water water
#
_entity_poly.entity_id   1
_entity_poly.type   'polypeptide(L)'
_entity_poly.pdbx_seq_one_letter_code
;GHMAVPDDDDDDDNSNDESEYESSQMDSEKNKGSIKNSKNVVIYADGVYDMLHLGHMKQLEQAKKLFENTTLIVGVTSDN
ETKLFKGQVVQTLEERTETLKHIRWVDEIISPCPWVVTPEFLEKYKIDYVAHDDIPYANNQKEDIYAWLKRAGKFKATQR
TEGVSTTDLIVRILKNYEDY
;
_entity_poly.pdbx_strand_id   A
#
# COMPACT_ATOMS: atom_id res chain seq x y z
N LYS A 39 -12.08 10.92 18.41
CA LYS A 39 -11.42 9.65 18.66
C LYS A 39 -10.93 9.03 17.36
N ASN A 40 -11.36 9.58 16.22
CA ASN A 40 -11.09 8.96 14.93
C ASN A 40 -9.76 9.42 14.34
N VAL A 41 -8.88 8.45 14.05
CA VAL A 41 -7.51 8.69 13.63
C VAL A 41 -7.40 8.43 12.14
N VAL A 42 -6.92 9.42 11.39
CA VAL A 42 -6.72 9.29 9.95
C VAL A 42 -5.37 8.64 9.67
N ILE A 43 -5.38 7.50 9.02
CA ILE A 43 -4.16 6.76 8.67
C ILE A 43 -3.96 6.82 7.16
N TYR A 44 -2.71 6.98 6.73
CA TYR A 44 -2.38 7.01 5.31
C TYR A 44 -1.35 5.94 5.01
N ALA A 45 -1.62 5.14 3.97
CA ALA A 45 -0.69 4.14 3.45
C ALA A 45 -0.60 4.29 1.94
N ASP A 46 0.59 4.12 1.37
CA ASP A 46 0.73 4.21 -0.07
C ASP A 46 1.53 3.04 -0.62
N GLY A 47 1.49 2.88 -1.94
CA GLY A 47 2.10 1.73 -2.56
C GLY A 47 1.70 1.59 -4.01
N VAL A 48 2.30 0.60 -4.66
CA VAL A 48 1.93 0.27 -6.03
C VAL A 48 0.66 -0.60 -6.05
N TYR A 49 0.60 -1.61 -5.18
CA TYR A 49 -0.51 -2.57 -5.16
C TYR A 49 -0.74 -3.23 -6.53
N ASP A 50 0.36 -3.56 -7.21
CA ASP A 50 0.27 -4.38 -8.41
C ASP A 50 -0.04 -5.82 -8.04
N MET A 51 -0.91 -6.47 -8.82
CA MET A 51 -1.32 -7.88 -8.61
C MET A 51 -1.63 -8.17 -7.14
N LEU A 52 -2.63 -7.46 -6.60
CA LEU A 52 -2.90 -7.48 -5.16
C LEU A 52 -2.99 -8.89 -4.61
N HIS A 53 -2.27 -9.16 -3.53
CA HIS A 53 -2.25 -10.48 -2.92
C HIS A 53 -2.42 -10.36 -1.40
N LEU A 54 -2.36 -11.53 -0.73
CA LEU A 54 -2.65 -11.59 0.70
C LEU A 54 -1.66 -10.79 1.52
N GLY A 55 -0.43 -10.63 1.04
CA GLY A 55 0.53 -9.80 1.74
C GLY A 55 0.13 -8.34 1.79
N HIS A 56 -0.36 -7.78 0.67
CA HIS A 56 -0.88 -6.41 0.67
C HIS A 56 -2.07 -6.30 1.62
N MET A 57 -3.00 -7.25 1.51
CA MET A 57 -4.22 -7.24 2.33
C MET A 57 -3.90 -7.25 3.82
N LYS A 58 -2.98 -8.13 4.24
CA LYS A 58 -2.60 -8.17 5.65
C LYS A 58 -1.99 -6.84 6.09
N GLN A 59 -1.18 -6.22 5.22
CA GLN A 59 -0.59 -4.91 5.54
C GLN A 59 -1.66 -3.83 5.70
N LEU A 60 -2.62 -3.78 4.77
CA LEU A 60 -3.73 -2.85 4.89
C LEU A 60 -4.52 -3.08 6.20
N GLU A 61 -4.79 -4.34 6.55
CA GLU A 61 -5.50 -4.64 7.78
C GLU A 61 -4.76 -4.09 8.98
N GLN A 62 -3.45 -4.33 9.02
CA GLN A 62 -2.66 -3.88 10.16
C GLN A 62 -2.68 -2.35 10.29
N ALA A 63 -2.56 -1.64 9.17
CA ALA A 63 -2.68 -0.18 9.23
C ALA A 63 -4.07 0.23 9.73
N LYS A 64 -5.12 -0.42 9.22
CA LYS A 64 -6.47 -0.07 9.62
C LYS A 64 -6.68 -0.29 11.12
N LYS A 65 -5.99 -1.26 11.72
CA LYS A 65 -6.22 -1.59 13.13
C LYS A 65 -5.18 -1.00 14.07
N LEU A 66 -4.39 -0.02 13.60
CA LEU A 66 -3.43 0.65 14.46
C LEU A 66 -4.10 1.30 15.67
N PHE A 67 -5.31 1.86 15.50
CA PHE A 67 -6.08 2.42 16.60
C PHE A 67 -7.52 1.90 16.53
N GLU A 68 -8.28 2.15 17.62
CA GLU A 68 -9.63 1.61 17.72
C GLU A 68 -10.54 2.20 16.64
N ASN A 69 -10.34 3.47 16.32
CA ASN A 69 -11.29 4.23 15.51
C ASN A 69 -10.46 4.92 14.44
N THR A 70 -10.45 4.36 13.23
CA THR A 70 -9.58 4.87 12.17
C THR A 70 -10.35 5.11 10.88
N THR A 71 -9.78 5.99 10.06
CA THR A 71 -10.07 6.12 8.65
C THR A 71 -8.77 5.87 7.92
N LEU A 72 -8.72 4.80 7.12
CA LEU A 72 -7.53 4.42 6.36
C LEU A 72 -7.65 4.99 4.95
N ILE A 73 -6.76 5.90 4.59
CA ILE A 73 -6.59 6.40 3.23
C ILE A 73 -5.45 5.64 2.57
N VAL A 74 -5.66 5.18 1.35
CA VAL A 74 -4.65 4.40 0.64
C VAL A 74 -4.28 5.16 -0.62
N GLY A 75 -2.99 5.42 -0.78
CA GLY A 75 -2.48 6.09 -1.98
C GLY A 75 -1.93 5.07 -2.96
N VAL A 76 -2.24 5.26 -4.24
CA VAL A 76 -1.87 4.34 -5.30
C VAL A 76 -0.98 5.09 -6.29
N THR A 77 0.24 4.60 -6.49
CA THR A 77 1.23 5.31 -7.29
C THR A 77 0.89 5.25 -8.78
N SER A 78 1.22 6.33 -9.49
CA SER A 78 0.94 6.43 -10.92
C SER A 78 1.82 5.46 -11.72
N ASP A 79 1.36 5.17 -12.96
CA ASP A 79 2.10 4.25 -13.83
C ASP A 79 3.45 4.82 -14.24
N ASN A 80 3.47 6.08 -14.71
CA ASN A 80 4.71 6.65 -15.23
C ASN A 80 5.74 6.79 -14.12
N GLU A 81 5.31 7.20 -12.93
CA GLU A 81 6.29 7.42 -11.86
C GLU A 81 6.80 6.10 -11.29
N THR A 82 5.92 5.10 -11.17
CA THR A 82 6.38 3.81 -10.68
C THR A 82 7.44 3.20 -11.60
N LYS A 83 7.19 3.21 -12.92
CA LYS A 83 8.13 2.61 -13.88
C LYS A 83 9.44 3.36 -13.93
N LEU A 84 9.43 4.67 -13.71
CA LEU A 84 10.66 5.43 -13.75
C LEU A 84 11.53 5.18 -12.54
N PHE A 85 10.94 5.00 -11.37
CA PHE A 85 11.67 5.00 -10.11
C PHE A 85 11.79 3.64 -9.43
N LYS A 86 10.79 2.77 -9.56
CA LYS A 86 10.81 1.50 -8.84
C LYS A 86 11.06 0.34 -9.80
N GLY A 87 10.18 0.15 -10.76
CA GLY A 87 10.31 -0.95 -11.69
C GLY A 87 9.00 -1.18 -12.41
N GLN A 88 8.98 -2.28 -13.16
CA GLN A 88 7.86 -2.61 -14.02
C GLN A 88 6.60 -2.93 -13.23
N VAL A 89 5.46 -2.53 -13.80
CA VAL A 89 4.13 -2.77 -13.26
C VAL A 89 3.28 -3.38 -14.36
N VAL A 90 2.50 -4.41 -14.04
CA VAL A 90 1.73 -5.10 -15.05
C VAL A 90 0.33 -4.51 -15.19
N GLN A 91 -0.31 -4.12 -14.11
CA GLN A 91 -1.63 -3.52 -14.18
C GLN A 91 -1.59 -1.99 -14.18
N THR A 92 -2.52 -1.39 -14.93
CA THR A 92 -2.62 0.06 -14.97
C THR A 92 -3.12 0.63 -13.64
N LEU A 93 -3.03 1.97 -13.53
CA LEU A 93 -3.52 2.67 -12.35
C LEU A 93 -5.00 2.37 -12.13
N GLU A 94 -5.82 2.51 -13.17
CA GLU A 94 -7.23 2.18 -13.10
C GLU A 94 -7.47 0.77 -12.54
N GLU A 95 -6.76 -0.23 -13.09
CA GLU A 95 -6.95 -1.60 -12.62
C GLU A 95 -6.51 -1.78 -11.18
N ARG A 96 -5.34 -1.26 -10.83
CA ARG A 96 -4.86 -1.43 -9.47
C ARG A 96 -5.79 -0.74 -8.47
N THR A 97 -6.45 0.35 -8.88
CA THR A 97 -7.31 1.10 -7.96
C THR A 97 -8.66 0.42 -7.79
N GLU A 98 -9.27 -0.03 -8.90
CA GLU A 98 -10.53 -0.76 -8.87
C GLU A 98 -10.44 -2.00 -7.98
N THR A 99 -9.29 -2.67 -7.92
CA THR A 99 -9.16 -3.84 -7.07
C THR A 99 -9.14 -3.45 -5.59
N LEU A 100 -8.39 -2.41 -5.20
CA LEU A 100 -8.32 -1.97 -3.82
C LEU A 100 -9.69 -1.58 -3.28
N LYS A 101 -10.59 -1.14 -4.16
CA LYS A 101 -11.94 -0.77 -3.77
C LYS A 101 -12.69 -1.91 -3.10
N HIS A 102 -12.33 -3.17 -3.36
CA HIS A 102 -13.05 -4.31 -2.82
C HIS A 102 -12.50 -4.80 -1.48
N ILE A 103 -11.49 -4.13 -0.95
CA ILE A 103 -10.78 -4.58 0.25
C ILE A 103 -11.45 -3.94 1.46
N ARG A 104 -11.82 -4.79 2.44
CA ARG A 104 -12.65 -4.37 3.57
C ARG A 104 -12.04 -3.19 4.34
N TRP A 105 -10.72 -3.15 4.48
CA TRP A 105 -10.07 -2.19 5.36
C TRP A 105 -9.90 -0.81 4.73
N VAL A 106 -10.22 -0.64 3.46
CA VAL A 106 -9.88 0.58 2.75
C VAL A 106 -11.06 1.53 2.85
N ASP A 107 -10.83 2.70 3.44
CA ASP A 107 -11.88 3.69 3.60
C ASP A 107 -11.87 4.75 2.51
N GLU A 108 -10.68 5.22 2.11
CA GLU A 108 -10.53 6.21 1.06
C GLU A 108 -9.34 5.85 0.19
N ILE A 109 -9.39 6.23 -1.08
CA ILE A 109 -8.28 6.00 -2.01
C ILE A 109 -7.93 7.33 -2.69
N ILE A 110 -6.63 7.64 -2.72
CA ILE A 110 -6.10 8.75 -3.51
C ILE A 110 -5.33 8.14 -4.67
N SER A 111 -5.85 8.29 -5.89
CA SER A 111 -5.35 7.62 -7.09
C SER A 111 -5.38 8.56 -8.28
N PRO A 112 -4.22 9.02 -8.80
CA PRO A 112 -2.87 8.68 -8.33
C PRO A 112 -2.49 9.44 -7.06
N CYS A 113 -1.66 8.83 -6.22
CA CYS A 113 -1.13 9.57 -5.10
C CYS A 113 0.19 10.22 -5.49
N PRO A 114 0.68 11.18 -4.72
CA PRO A 114 2.01 11.72 -5.02
C PRO A 114 3.08 10.67 -4.70
N TRP A 115 4.17 10.71 -5.48
CA TRP A 115 5.27 9.76 -5.27
C TRP A 115 6.05 10.06 -3.99
N VAL A 116 6.12 11.32 -3.56
CA VAL A 116 6.78 11.67 -2.30
C VAL A 116 5.76 12.34 -1.39
N VAL A 117 5.64 11.80 -0.17
CA VAL A 117 4.81 12.41 0.86
C VAL A 117 5.48 13.67 1.39
N THR A 118 4.72 14.75 1.46
CA THR A 118 5.16 16.04 1.93
C THR A 118 4.33 16.46 3.14
N PRO A 119 4.86 17.34 4.01
CA PRO A 119 4.04 17.79 5.16
C PRO A 119 2.81 18.58 4.74
N GLU A 120 2.85 19.29 3.61
CA GLU A 120 1.64 19.91 3.05
C GLU A 120 0.59 18.86 2.74
N PHE A 121 1.01 17.72 2.20
CA PHE A 121 0.07 16.63 1.90
C PHE A 121 -0.63 16.13 3.17
N LEU A 122 0.12 15.99 4.26
CA LEU A 122 -0.48 15.53 5.51
C LEU A 122 -1.49 16.55 6.07
N GLU A 123 -1.17 17.85 5.97
CA GLU A 123 -2.09 18.88 6.42
C GLU A 123 -3.35 18.91 5.57
N LYS A 124 -3.22 18.72 4.25
CA LYS A 124 -4.36 18.90 3.37
C LYS A 124 -5.41 17.80 3.58
N TYR A 125 -4.98 16.58 3.91
CA TYR A 125 -5.89 15.46 4.11
C TYR A 125 -6.07 15.12 5.58
N LYS A 126 -5.63 16.00 6.48
CA LYS A 126 -5.72 15.82 7.93
C LYS A 126 -5.33 14.40 8.34
N ILE A 127 -4.11 14.02 7.96
CA ILE A 127 -3.55 12.68 8.21
C ILE A 127 -2.78 12.70 9.53
N ASP A 128 -3.08 11.73 10.40
CA ASP A 128 -2.42 11.68 11.70
C ASP A 128 -1.20 10.78 11.70
N TYR A 129 -1.24 9.67 10.96
CA TYR A 129 -0.07 8.80 10.87
C TYR A 129 0.08 8.29 9.45
N VAL A 130 1.33 8.10 9.05
CA VAL A 130 1.67 7.39 7.83
C VAL A 130 2.13 6.00 8.23
N ALA A 131 1.58 4.97 7.59
CA ALA A 131 1.97 3.59 7.89
C ALA A 131 2.73 3.03 6.69
N HIS A 132 4.01 2.69 6.90
CA HIS A 132 4.88 2.12 5.89
C HIS A 132 5.62 0.95 6.50
N ASP A 133 6.38 0.22 5.67
CA ASP A 133 7.07 -0.95 6.18
C ASP A 133 8.49 -0.62 6.59
N ILE A 145 13.98 9.18 2.51
CA ILE A 145 13.85 8.54 3.81
C ILE A 145 12.67 9.16 4.54
N TYR A 146 12.05 8.37 5.41
CA TYR A 146 10.94 8.83 6.24
C TYR A 146 11.42 9.35 7.60
N ALA A 147 12.62 9.93 7.67
CA ALA A 147 13.13 10.48 8.92
C ALA A 147 12.22 11.58 9.47
N TRP A 148 11.79 12.50 8.60
CA TRP A 148 10.96 13.60 9.06
C TRP A 148 9.63 13.10 9.63
N LEU A 149 9.10 11.99 9.11
CA LEU A 149 7.87 11.43 9.65
C LEU A 149 8.05 10.93 11.07
N LYS A 150 9.19 10.29 11.35
CA LYS A 150 9.42 9.80 12.69
C LYS A 150 9.63 10.95 13.66
N ARG A 151 10.41 11.96 13.23
CA ARG A 151 10.64 13.17 14.01
C ARG A 151 9.35 13.85 14.42
N ALA A 152 8.33 13.79 13.57
CA ALA A 152 7.06 14.41 13.86
C ALA A 152 6.12 13.50 14.63
N GLY A 153 6.56 12.28 14.96
CA GLY A 153 5.67 11.35 15.64
C GLY A 153 4.53 10.83 14.79
N LYS A 154 4.66 10.91 13.46
CA LYS A 154 3.62 10.51 12.53
C LYS A 154 3.94 9.21 11.79
N PHE A 155 4.90 8.42 12.28
CA PHE A 155 5.32 7.18 11.63
C PHE A 155 4.86 5.98 12.43
N LYS A 156 4.21 5.03 11.74
CA LYS A 156 3.76 3.77 12.32
C LYS A 156 4.18 2.63 11.39
N ALA A 157 4.99 1.72 11.91
CA ALA A 157 5.53 0.64 11.08
C ALA A 157 4.51 -0.48 10.89
N THR A 158 4.60 -1.14 9.74
CA THR A 158 3.83 -2.34 9.43
C THR A 158 4.74 -3.36 8.76
N GLN A 159 4.29 -4.61 8.75
CA GLN A 159 5.12 -5.76 8.37
C GLN A 159 4.70 -6.34 7.02
N ARG A 160 5.68 -6.67 6.20
CA ARG A 160 5.45 -7.44 4.99
C ARG A 160 5.38 -8.93 5.35
N THR A 161 4.50 -9.66 4.67
CA THR A 161 4.38 -11.10 4.81
C THR A 161 4.96 -11.76 3.56
N GLU A 162 6.08 -12.46 3.71
CA GLU A 162 6.72 -13.07 2.55
C GLU A 162 6.07 -14.40 2.19
N GLY A 163 6.19 -14.78 0.92
CA GLY A 163 5.79 -16.09 0.46
C GLY A 163 4.35 -16.23 -0.02
N VAL A 164 3.54 -15.18 0.08
CA VAL A 164 2.12 -15.24 -0.29
C VAL A 164 1.83 -14.54 -1.61
N SER A 165 2.88 -14.15 -2.33
CA SER A 165 2.72 -13.26 -3.48
C SER A 165 2.12 -14.01 -4.67
N THR A 166 1.73 -13.22 -5.67
CA THR A 166 1.16 -13.76 -6.89
C THR A 166 2.20 -14.54 -7.70
N THR A 167 3.41 -13.98 -7.82
CA THR A 167 4.47 -14.70 -8.52
C THR A 167 4.79 -16.03 -7.84
N ASP A 168 4.73 -16.06 -6.49
CA ASP A 168 4.92 -17.31 -5.77
C ASP A 168 3.92 -18.38 -6.17
N LEU A 169 2.69 -17.99 -6.50
CA LEU A 169 1.66 -18.95 -6.87
C LEU A 169 1.94 -19.55 -8.25
N ILE A 170 2.46 -18.73 -9.16
CA ILE A 170 2.79 -19.22 -10.50
C ILE A 170 3.92 -20.24 -10.40
N VAL A 171 4.87 -20.00 -9.49
CA VAL A 171 5.93 -20.98 -9.24
C VAL A 171 5.33 -22.29 -8.79
N ARG A 172 4.32 -22.24 -7.90
CA ARG A 172 3.68 -23.46 -7.39
C ARG A 172 3.04 -24.26 -8.52
N ILE A 173 2.36 -23.58 -9.45
CA ILE A 173 1.76 -24.25 -10.60
C ILE A 173 2.84 -24.94 -11.42
N LEU A 174 4.00 -24.29 -11.57
CA LEU A 174 5.06 -24.81 -12.42
C LEU A 174 5.76 -26.03 -11.79
N LYS A 175 5.81 -26.11 -10.46
CA LYS A 175 6.41 -27.27 -9.82
C LYS A 175 5.74 -28.59 -10.22
N ASN A 176 4.53 -28.53 -10.81
CA ASN A 176 3.81 -29.73 -11.27
C ASN A 176 4.45 -30.38 -12.50
N TYR A 177 5.47 -29.75 -13.08
CA TYR A 177 6.05 -30.19 -14.35
C TYR A 177 7.52 -30.45 -14.06
N GLU A 178 7.81 -31.73 -13.78
CA GLU A 178 9.16 -32.17 -13.51
C GLU A 178 10.08 -31.75 -14.62
N ASP A 179 11.26 -31.24 -14.25
CA ASP A 179 12.26 -30.89 -15.24
C ASP A 179 12.54 -32.06 -16.18
N TYR A 180 12.49 -33.29 -15.66
CA TYR A 180 12.75 -34.48 -16.48
C TYR A 180 11.61 -35.48 -16.42
#